data_2YKF
#
_entry.id   2YKF
#
_cell.length_a   73.590
_cell.length_b   81.270
_cell.length_c   105.060
_cell.angle_alpha   90.00
_cell.angle_beta   90.00
_cell.angle_gamma   90.00
#
_symmetry.space_group_name_H-M   'C 2 2 21'
#
loop_
_entity.id
_entity.type
_entity.pdbx_description
1 polymer 'PROBABLE SENSOR HISTIDINE KINASE PDTAS'
2 non-polymer 'SULFATE ION'
3 non-polymer 'BROMIDE ION'
4 water water
#
_entity_poly.entity_id   1
_entity_poly.type   'polypeptide(L)'
_entity_poly.pdbx_seq_one_letter_code
;GAMSTLGDLLAEHTVLPGSAVDHLHAVVGEWQLLADLSFADYLMWVRRDDGVLVCVAQCRPNTGPTVVHTDAVGTVVAAN
SMPLVAATFSGGVPGREGAVGQQNSCQHDGHSVEVSPVRFGDQVVAVLTRHQPELAARRRSGHLETAYRLCATDLLRMLA
EGTFPDAGDVAMSRSSPRAGDGFIRLDVDGVVSYASPNALSAYHRMGLTTELEGVNLIDATRPLISDPFEAHEVDEHVQD
LLAGDGKGMRMEVDAGGATVLLRTLPLVVAGRNVGAAILIRDVTEVKRRDRALISKDATIREIHH
;
_entity_poly.pdbx_strand_id   A
#
loop_
_chem_comp.id
_chem_comp.type
_chem_comp.name
_chem_comp.formula
BR non-polymer 'BROMIDE ION' 'Br -1'
SO4 non-polymer 'SULFATE ION' 'O4 S -2'
#
# COMPACT_ATOMS: atom_id res chain seq x y z
N MET A 3 -8.79 26.62 -1.91
CA MET A 3 -7.74 26.05 -2.80
C MET A 3 -6.96 24.91 -2.09
N SER A 4 -7.60 23.77 -1.87
CA SER A 4 -7.07 22.87 -0.85
C SER A 4 -6.59 21.48 -1.32
N THR A 5 -6.71 21.23 -2.60
CA THR A 5 -6.38 19.92 -3.09
C THR A 5 -4.84 19.78 -3.24
N LEU A 6 -4.37 18.54 -3.25
CA LEU A 6 -2.98 18.24 -3.61
C LEU A 6 -2.57 18.98 -4.92
N GLY A 7 -3.36 18.84 -5.99
CA GLY A 7 -3.04 19.55 -7.27
C GLY A 7 -2.82 21.06 -7.12
N ASP A 8 -3.78 21.75 -6.48
CA ASP A 8 -3.67 23.22 -6.25
C ASP A 8 -2.45 23.55 -5.42
N LEU A 9 -2.19 22.77 -4.37
CA LEU A 9 -1.00 22.96 -3.55
C LEU A 9 0.32 22.77 -4.27
N LEU A 10 0.43 21.69 -5.07
CA LEU A 10 1.68 21.48 -5.82
C LEU A 10 1.93 22.59 -6.89
N ALA A 11 0.86 23.09 -7.53
CA ALA A 11 1.01 24.20 -8.51
C ALA A 11 1.43 25.51 -7.83
N GLU A 12 0.82 25.81 -6.70
CA GLU A 12 1.13 27.00 -5.94
C GLU A 12 2.54 27.00 -5.43
N HIS A 13 2.93 25.93 -4.72
CA HIS A 13 4.18 25.92 -3.94
C HIS A 13 5.37 25.26 -4.56
N THR A 14 5.21 24.64 -5.72
CA THR A 14 6.25 23.72 -6.15
C THR A 14 6.63 23.99 -7.61
N VAL A 15 7.83 23.61 -8.02
CA VAL A 15 8.17 23.59 -9.46
C VAL A 15 8.43 22.16 -10.02
N LEU A 16 7.80 21.16 -9.40
CA LEU A 16 7.92 19.77 -9.84
C LEU A 16 7.37 19.65 -11.22
N PRO A 17 8.03 18.82 -12.05
CA PRO A 17 7.55 18.59 -13.41
C PRO A 17 6.25 17.74 -13.39
N GLY A 18 5.43 17.85 -14.43
CA GLY A 18 4.16 17.11 -14.52
C GLY A 18 4.26 15.61 -14.25
N SER A 19 5.36 14.97 -14.66
CA SER A 19 5.60 13.58 -14.32
C SER A 19 5.67 13.31 -12.83
N ALA A 20 6.46 14.12 -12.13
CA ALA A 20 6.52 13.89 -10.67
C ALA A 20 5.22 14.31 -10.02
N VAL A 21 4.58 15.37 -10.52
CA VAL A 21 3.26 15.74 -10.01
C VAL A 21 2.26 14.54 -10.11
N ASP A 22 2.18 13.91 -11.27
CA ASP A 22 1.45 12.62 -11.42
C ASP A 22 1.78 11.55 -10.43
N HIS A 23 3.07 11.32 -10.22
CA HIS A 23 3.47 10.33 -9.29
C HIS A 23 2.96 10.64 -7.86
N LEU A 24 3.00 11.91 -7.42
CA LEU A 24 2.50 12.20 -6.09
C LEU A 24 1.01 12.00 -6.04
N HIS A 25 0.29 12.38 -7.10
CA HIS A 25 -1.15 12.13 -7.15
C HIS A 25 -1.44 10.61 -6.97
N ALA A 26 -0.68 9.81 -7.68
CA ALA A 26 -0.73 8.31 -7.55
C ALA A 26 -0.43 7.82 -6.13
N VAL A 27 0.61 8.38 -5.47
CA VAL A 27 0.85 8.03 -4.08
C VAL A 27 -0.38 8.25 -3.19
N VAL A 28 -0.95 9.46 -3.25
CA VAL A 28 -2.12 9.81 -2.46
C VAL A 28 -3.36 8.94 -2.86
N GLY A 29 -3.42 8.54 -4.11
CA GLY A 29 -4.51 7.70 -4.58
C GLY A 29 -4.36 6.30 -3.98
N GLU A 30 -3.15 5.92 -3.55
CA GLU A 30 -2.91 4.56 -3.09
C GLU A 30 -2.58 4.42 -1.61
N TRP A 31 -2.21 5.51 -0.94
CA TRP A 31 -1.58 5.33 0.35
C TRP A 31 -2.58 5.02 1.50
N GLN A 32 -3.89 4.99 1.25
CA GLN A 32 -4.76 4.39 2.28
C GLN A 32 -4.24 2.99 2.72
N LEU A 33 -3.84 2.17 1.75
CA LEU A 33 -3.34 0.85 2.02
C LEU A 33 -2.09 0.91 2.93
N LEU A 34 -1.18 1.85 2.65
CA LEU A 34 -0.04 2.03 3.55
C LEU A 34 -0.43 2.44 5.00
N ALA A 35 -1.33 3.43 5.16
CA ALA A 35 -1.79 3.90 6.48
C ALA A 35 -2.48 2.72 7.20
N ASP A 36 -3.27 1.92 6.47
CA ASP A 36 -3.94 0.78 7.10
C ASP A 36 -2.95 -0.32 7.56
N LEU A 37 -2.04 -0.69 6.67
CA LEU A 37 -1.05 -1.73 7.03
C LEU A 37 -0.10 -1.26 8.12
N SER A 38 0.15 0.05 8.18
CA SER A 38 1.04 0.60 9.21
C SER A 38 0.30 0.86 10.54
N PHE A 39 -1.06 0.85 10.55
CA PHE A 39 -1.81 1.35 11.71
C PHE A 39 -1.33 2.74 12.12
N ALA A 40 -1.12 3.61 11.15
CA ALA A 40 -0.43 4.89 11.34
C ALA A 40 -0.99 5.96 10.47
N ASP A 41 -0.84 7.21 10.94
CA ASP A 41 -1.07 8.37 10.12
C ASP A 41 0.11 8.72 9.20
N TYR A 42 -0.15 9.24 7.99
CA TYR A 42 1.00 9.77 7.19
C TYR A 42 0.70 11.17 6.78
N LEU A 43 1.75 11.98 6.68
CA LEU A 43 1.62 13.27 6.10
C LEU A 43 2.58 13.32 4.93
N MET A 44 2.25 14.04 3.87
CA MET A 44 3.15 14.18 2.74
C MET A 44 3.68 15.61 2.70
N TRP A 45 5.00 15.75 2.63
CA TRP A 45 5.65 17.08 2.66
C TRP A 45 6.40 17.32 1.37
N VAL A 46 6.25 18.53 0.80
CA VAL A 46 7.07 18.96 -0.34
C VAL A 46 7.94 20.19 0.09
N ARG A 47 8.95 20.52 -0.74
CA ARG A 47 9.96 21.56 -0.41
C ARG A 47 9.93 22.53 -1.54
N ARG A 48 9.64 23.78 -1.25
CA ARG A 48 9.56 24.76 -2.32
C ARG A 48 10.98 25.19 -2.70
N ASP A 49 11.08 26.06 -3.72
CA ASP A 49 12.25 26.94 -3.95
CA ASP A 49 12.31 26.84 -3.94
C ASP A 49 12.92 27.39 -2.63
N ASP A 50 12.13 28.17 -1.88
CA ASP A 50 12.53 28.75 -0.58
CA ASP A 50 12.39 28.68 -0.51
C ASP A 50 13.24 27.77 0.38
N GLY A 51 13.18 26.46 0.09
CA GLY A 51 13.59 25.46 1.08
C GLY A 51 12.52 25.32 2.17
N VAL A 52 11.45 26.12 2.08
CA VAL A 52 10.35 26.07 3.04
C VAL A 52 9.53 24.74 2.77
N LEU A 53 8.98 24.15 3.83
CA LEU A 53 8.23 22.89 3.73
C LEU A 53 6.72 23.11 3.80
N VAL A 54 5.98 22.37 2.95
CA VAL A 54 4.54 22.44 2.90
C VAL A 54 3.95 21.03 3.00
N CYS A 55 3.01 20.84 3.93
CA CYS A 55 2.25 19.55 3.97
C CYS A 55 1.12 19.64 2.93
N VAL A 56 1.11 18.69 1.96
CA VAL A 56 0.21 18.79 0.84
C VAL A 56 -0.85 17.64 0.86
N ALA A 57 -0.73 16.70 1.79
CA ALA A 57 -1.72 15.58 1.87
C ALA A 57 -1.54 14.90 3.16
N GLN A 58 -2.62 14.21 3.59
CA GLN A 58 -2.59 13.56 4.85
C GLN A 58 -3.53 12.35 4.78
N CYS A 59 -3.16 11.25 5.39
CA CYS A 59 -4.05 10.10 5.49
CA CYS A 59 -4.13 10.18 5.54
C CYS A 59 -4.13 9.60 6.93
N ARG A 60 -5.29 9.13 7.36
CA ARG A 60 -5.32 8.43 8.62
C ARG A 60 -5.56 6.95 8.42
N PRO A 61 -5.13 6.11 9.38
CA PRO A 61 -5.42 4.68 9.23
C PRO A 61 -6.91 4.35 9.51
N ASN A 62 -7.49 3.42 8.75
CA ASN A 62 -8.81 2.93 9.11
C ASN A 62 -8.77 1.77 10.06
N THR A 63 -7.59 1.21 10.29
CA THR A 63 -7.44 0.00 11.12
C THR A 63 -7.02 0.35 12.57
N GLY A 64 -6.84 1.63 12.89
CA GLY A 64 -6.59 2.00 14.31
C GLY A 64 -6.80 3.48 14.54
N PRO A 65 -6.69 3.94 15.81
CA PRO A 65 -6.85 5.41 16.07
C PRO A 65 -5.84 6.31 15.40
N THR A 66 -6.25 7.53 15.05
CA THR A 66 -5.34 8.54 14.56
C THR A 66 -4.61 9.20 15.77
N VAL A 67 -3.47 9.80 15.54
CA VAL A 67 -2.83 10.66 16.54
C VAL A 67 -2.70 12.04 15.94
N VAL A 68 -3.26 12.22 14.74
CA VAL A 68 -3.27 13.51 14.11
C VAL A 68 -4.72 13.94 13.90
N HIS A 69 -5.29 14.57 14.92
CA HIS A 69 -6.72 14.84 14.97
C HIS A 69 -7.03 16.09 14.19
N THR A 70 -5.99 16.90 13.97
CA THR A 70 -6.12 18.18 13.30
C THR A 70 -5.79 18.02 11.81
N ASP A 71 -6.41 18.85 10.96
CA ASP A 71 -6.09 18.80 9.55
C ASP A 71 -4.75 19.49 9.28
N ALA A 72 -3.75 18.72 8.85
CA ALA A 72 -2.40 19.28 8.58
C ALA A 72 -2.15 19.82 7.15
N VAL A 73 -3.07 19.57 6.24
CA VAL A 73 -2.89 19.91 4.86
C VAL A 73 -2.85 21.43 4.71
N GLY A 74 -1.90 21.92 3.92
CA GLY A 74 -1.73 23.36 3.68
C GLY A 74 -0.78 24.00 4.69
N THR A 75 -0.41 23.28 5.74
CA THR A 75 0.58 23.76 6.73
C THR A 75 1.92 24.11 6.03
N VAL A 76 2.48 25.30 6.33
CA VAL A 76 3.68 25.81 5.68
C VAL A 76 4.62 26.16 6.79
N VAL A 77 5.81 25.60 6.75
CA VAL A 77 6.64 25.59 7.93
C VAL A 77 8.10 25.82 7.50
N ALA A 78 8.85 26.55 8.32
CA ALA A 78 10.25 26.71 8.02
C ALA A 78 11.00 25.33 8.08
N ALA A 79 11.92 25.17 7.14
CA ALA A 79 12.66 23.91 6.97
C ALA A 79 13.36 23.47 8.25
N ASN A 80 13.94 24.42 9.00
CA ASN A 80 14.70 24.04 10.20
C ASN A 80 13.79 23.70 11.37
N SER A 81 12.47 23.96 11.24
CA SER A 81 11.54 23.49 12.28
C SER A 81 11.28 22.00 12.17
N MET A 82 11.66 21.42 11.03
CA MET A 82 11.63 19.96 10.80
C MET A 82 12.94 19.44 10.21
N PRO A 83 14.06 19.56 10.97
CA PRO A 83 15.40 19.17 10.50
C PRO A 83 15.49 17.87 9.68
N LEU A 84 14.94 16.77 10.18
CA LEU A 84 15.05 15.46 9.48
C LEU A 84 14.36 15.47 8.08
N VAL A 85 13.08 15.80 8.07
CA VAL A 85 12.36 15.97 6.81
C VAL A 85 13.19 16.80 5.84
N ALA A 86 13.64 17.97 6.29
CA ALA A 86 14.51 18.84 5.46
C ALA A 86 15.74 18.08 4.93
N ALA A 87 16.40 17.33 5.82
CA ALA A 87 17.60 16.55 5.46
C ALA A 87 17.28 15.40 4.50
N THR A 88 16.09 14.80 4.63
CA THR A 88 15.70 13.71 3.71
C THR A 88 15.54 14.21 2.30
N PHE A 89 15.18 15.49 2.12
CA PHE A 89 15.14 16.06 0.77
C PHE A 89 16.53 16.22 0.22
N SER A 90 17.50 16.36 1.15
CA SER A 90 18.92 16.75 0.89
C SER A 90 19.88 15.60 0.61
N GLY A 91 20.23 14.85 1.66
CA GLY A 91 21.15 13.74 1.51
C GLY A 91 20.48 12.47 0.99
N GLY A 92 19.81 12.58 -0.17
CA GLY A 92 19.26 11.39 -0.86
C GLY A 92 18.45 11.75 -2.10
N HIS A 111 2.82 10.03 18.29
CA HIS A 111 3.54 10.20 17.02
C HIS A 111 4.77 9.24 16.73
N SER A 112 5.78 9.17 17.61
CA SER A 112 6.96 8.26 17.34
C SER A 112 7.60 8.40 15.90
N VAL A 113 7.62 9.65 15.38
CA VAL A 113 7.66 9.96 13.92
C VAL A 113 8.83 9.41 13.07
N GLU A 114 8.52 8.52 12.12
CA GLU A 114 9.52 8.11 11.13
C GLU A 114 9.35 8.86 9.81
N VAL A 115 10.47 9.11 9.17
CA VAL A 115 10.52 9.95 8.05
C VAL A 115 11.05 9.08 6.93
N SER A 116 10.41 9.15 5.79
CA SER A 116 10.89 8.43 4.60
C SER A 116 10.63 9.16 3.29
N PRO A 117 11.53 8.97 2.33
CA PRO A 117 11.40 9.67 1.10
C PRO A 117 10.50 8.97 0.07
N VAL A 118 9.95 9.77 -0.82
CA VAL A 118 9.27 9.28 -1.97
C VAL A 118 10.16 9.71 -3.13
N ARG A 119 10.68 8.75 -3.90
CA ARG A 119 11.50 9.03 -5.10
C ARG A 119 10.74 8.90 -6.38
N PHE A 120 11.09 9.80 -7.31
CA PHE A 120 10.66 9.73 -8.67
C PHE A 120 11.77 10.22 -9.61
N GLY A 121 12.02 9.47 -10.66
CA GLY A 121 13.26 9.62 -11.40
C GLY A 121 14.20 9.15 -10.31
N ASP A 122 15.24 9.93 -10.09
CA ASP A 122 16.10 9.73 -8.93
C ASP A 122 16.15 10.92 -7.97
N GLN A 123 15.11 11.76 -8.00
CA GLN A 123 15.03 12.81 -7.00
C GLN A 123 14.01 12.48 -5.87
N VAL A 124 14.29 12.90 -4.67
CA VAL A 124 13.30 12.83 -3.61
C VAL A 124 12.35 13.95 -3.94
N VAL A 125 11.13 13.58 -4.35
CA VAL A 125 10.09 14.59 -4.68
C VAL A 125 9.14 14.94 -3.55
N ALA A 126 9.11 14.10 -2.53
CA ALA A 126 8.32 14.37 -1.34
C ALA A 126 8.88 13.55 -0.23
N VAL A 127 8.49 13.88 0.99
CA VAL A 127 8.81 13.08 2.17
C VAL A 127 7.54 12.79 3.01
N LEU A 128 7.41 11.57 3.48
CA LEU A 128 6.26 11.15 4.30
C LEU A 128 6.70 11.21 5.68
N THR A 129 5.89 11.75 6.57
CA THR A 129 6.11 11.46 8.00
C THR A 129 5.04 10.51 8.50
N ARG A 130 5.45 9.51 9.27
CA ARG A 130 4.56 8.53 9.87
C ARG A 130 4.33 8.86 11.37
N HIS A 131 3.08 8.88 11.83
CA HIS A 131 2.81 9.23 13.22
C HIS A 131 1.92 8.14 13.75
N GLN A 132 2.20 7.64 14.95
CA GLN A 132 1.38 6.59 15.48
C GLN A 132 1.33 6.60 16.98
N PRO A 133 0.37 5.85 17.58
CA PRO A 133 0.21 5.91 19.02
C PRO A 133 1.47 5.53 19.76
N GLU A 134 1.67 6.15 20.92
CA GLU A 134 2.80 5.79 21.81
C GLU A 134 2.66 4.30 22.16
N LEU A 135 3.79 3.64 22.44
CA LEU A 135 3.86 2.15 22.50
C LEU A 135 2.75 1.32 23.23
N ALA A 136 2.39 1.66 24.47
CA ALA A 136 1.31 0.94 25.17
C ALA A 136 -0.16 1.15 24.64
N ALA A 137 -0.36 2.15 23.78
CA ALA A 137 -1.70 2.42 23.23
C ALA A 137 -1.94 1.76 21.86
N ARG A 138 -0.92 1.13 21.28
CA ARG A 138 -1.06 0.63 19.91
C ARG A 138 -1.54 -0.81 19.75
N ARG A 139 -2.05 -1.08 18.56
CA ARG A 139 -2.46 -2.42 18.15
C ARG A 139 -1.39 -3.42 18.51
N ARG A 140 -1.65 -4.19 19.58
CA ARG A 140 -0.80 -5.28 20.05
C ARG A 140 -0.44 -6.24 18.93
N SER A 141 0.84 -6.67 18.87
CA SER A 141 1.39 -7.35 17.70
CA SER A 141 1.32 -7.35 17.66
C SER A 141 1.09 -8.84 17.61
N GLY A 142 -0.17 -9.18 17.33
CA GLY A 142 -0.52 -10.52 16.93
C GLY A 142 0.02 -10.78 15.54
N HIS A 143 -0.24 -11.95 15.01
CA HIS A 143 0.24 -12.26 13.66
C HIS A 143 -0.26 -11.33 12.56
N LEU A 144 -1.55 -10.96 12.61
CA LEU A 144 -2.14 -10.06 11.59
C LEU A 144 -1.38 -8.76 11.60
N GLU A 145 -1.25 -8.16 12.79
CA GLU A 145 -0.56 -6.88 12.86
C GLU A 145 0.93 -6.97 12.46
N THR A 146 1.61 -8.04 12.84
CA THR A 146 2.96 -8.24 12.30
C THR A 146 3.01 -8.35 10.79
N ALA A 147 2.15 -9.21 10.20
CA ALA A 147 2.17 -9.40 8.70
C ALA A 147 1.87 -8.06 7.97
N TYR A 148 0.95 -7.29 8.55
CA TYR A 148 0.60 -5.96 7.94
C TYR A 148 1.78 -4.99 8.03
N ARG A 149 2.40 -4.89 9.20
CA ARG A 149 3.51 -3.99 9.42
CA ARG A 149 3.50 -3.97 9.38
C ARG A 149 4.70 -4.36 8.54
N LEU A 150 4.94 -5.64 8.38
CA LEU A 150 6.04 -6.12 7.48
C LEU A 150 5.79 -5.73 6.02
N CYS A 151 4.56 -5.85 5.58
CA CYS A 151 4.19 -5.41 4.21
C CYS A 151 4.31 -3.88 4.07
N ALA A 152 3.89 -3.10 5.10
CA ALA A 152 4.02 -1.64 5.10
C ALA A 152 5.51 -1.27 4.90
N THR A 153 6.39 -1.96 5.59
CA THR A 153 7.84 -1.71 5.41
C THR A 153 8.29 -1.99 3.98
N ASP A 154 7.83 -3.09 3.39
CA ASP A 154 8.11 -3.39 1.98
C ASP A 154 7.64 -2.29 1.05
N LEU A 155 6.43 -1.73 1.29
CA LEU A 155 5.95 -0.67 0.37
C LEU A 155 6.72 0.61 0.60
N LEU A 156 7.04 0.92 1.87
CA LEU A 156 7.81 2.15 2.16
C LEU A 156 9.17 2.10 1.42
N ARG A 157 9.76 0.92 1.35
CA ARG A 157 11.00 0.73 0.56
C ARG A 157 10.78 0.95 -0.95
N MET A 158 9.68 0.42 -1.50
CA MET A 158 9.32 0.71 -2.87
C MET A 158 9.06 2.18 -3.12
N LEU A 159 8.36 2.86 -2.17
CA LEU A 159 8.20 4.32 -2.32
C LEU A 159 9.57 5.02 -2.38
N ALA A 160 10.49 4.61 -1.51
CA ALA A 160 11.84 5.20 -1.42
C ALA A 160 12.66 4.88 -2.68
N GLU A 161 12.36 3.76 -3.35
CA GLU A 161 13.06 3.35 -4.55
C GLU A 161 12.38 3.78 -5.78
N GLY A 162 11.21 4.41 -5.64
CA GLY A 162 10.50 4.91 -6.79
C GLY A 162 9.78 3.82 -7.60
N THR A 163 9.55 2.66 -7.01
CA THR A 163 8.87 1.57 -7.72
C THR A 163 7.39 1.30 -7.33
N PHE A 164 6.90 2.04 -6.35
CA PHE A 164 5.47 2.03 -5.99
C PHE A 164 5.09 3.48 -5.64
N PRO A 165 3.94 3.97 -6.12
CA PRO A 165 3.05 3.33 -7.08
C PRO A 165 3.72 3.23 -8.46
N ASP A 166 3.14 2.41 -9.33
CA ASP A 166 3.67 2.20 -10.68
C ASP A 166 2.61 2.68 -11.68
N ALA A 167 2.99 3.65 -12.52
CA ALA A 167 2.08 4.48 -13.38
C ALA A 167 1.27 5.47 -12.54
N SER A 173 -8.65 1.50 -7.52
CA SER A 173 -10.03 1.93 -7.85
C SER A 173 -10.87 2.12 -6.59
N ARG A 174 -12.08 2.67 -6.75
CA ARG A 174 -12.91 2.96 -5.56
C ARG A 174 -13.40 1.69 -4.89
N SER A 175 -13.52 0.63 -5.69
CA SER A 175 -14.11 -0.63 -5.25
C SER A 175 -13.07 -1.70 -4.75
N SER A 176 -11.75 -1.47 -4.92
CA SER A 176 -10.81 -2.56 -4.61
C SER A 176 -10.83 -2.86 -3.12
N PRO A 177 -10.42 -4.07 -2.73
CA PRO A 177 -10.42 -4.48 -1.30
C PRO A 177 -9.59 -3.52 -0.47
N ARG A 178 -9.98 -3.26 0.78
CA ARG A 178 -9.13 -2.63 1.75
C ARG A 178 -8.32 -3.74 2.39
N ALA A 179 -7.15 -3.40 2.92
CA ALA A 179 -6.36 -4.39 3.67
C ALA A 179 -7.21 -5.23 4.68
N GLY A 180 -8.06 -4.59 5.47
CA GLY A 180 -8.86 -5.35 6.43
C GLY A 180 -9.80 -6.36 5.83
N ASP A 181 -10.23 -6.13 4.59
CA ASP A 181 -11.09 -7.10 3.89
C ASP A 181 -10.49 -8.50 3.77
N GLY A 182 -9.16 -8.59 3.59
CA GLY A 182 -8.54 -9.92 3.43
C GLY A 182 -7.12 -9.66 2.89
N PHE A 183 -6.13 -10.26 3.53
CA PHE A 183 -4.74 -9.96 3.18
C PHE A 183 -3.99 -11.26 3.09
N ILE A 184 -3.21 -11.44 2.01
CA ILE A 184 -2.38 -12.66 1.78
C ILE A 184 -0.96 -12.21 1.40
N ARG A 185 0.07 -12.80 2.04
CA ARG A 185 1.43 -12.52 1.64
CA ARG A 185 1.45 -12.52 1.64
C ARG A 185 1.95 -13.76 0.90
N LEU A 186 2.44 -13.57 -0.33
CA LEU A 186 3.04 -14.71 -1.09
C LEU A 186 4.56 -14.54 -1.09
N ASP A 187 5.30 -15.62 -0.93
CA ASP A 187 6.73 -15.56 -1.06
C ASP A 187 7.12 -15.65 -2.53
N VAL A 188 8.44 -15.60 -2.83
CA VAL A 188 8.93 -15.62 -4.24
C VAL A 188 8.44 -16.79 -5.06
N ASP A 189 8.16 -17.92 -4.45
CA ASP A 189 7.68 -19.09 -5.21
C ASP A 189 6.17 -19.13 -5.34
N GLY A 190 5.47 -18.11 -4.86
CA GLY A 190 4.00 -18.10 -4.98
C GLY A 190 3.32 -18.91 -3.89
N VAL A 191 4.09 -19.25 -2.84
CA VAL A 191 3.59 -19.98 -1.64
C VAL A 191 3.10 -18.95 -0.61
N VAL A 192 1.92 -19.20 -0.04
CA VAL A 192 1.32 -18.30 0.95
C VAL A 192 2.11 -18.40 2.26
N SER A 193 2.74 -17.31 2.66
CA SER A 193 3.42 -17.28 3.91
C SER A 193 2.55 -16.73 5.01
N TYR A 194 1.49 -15.98 4.66
CA TYR A 194 0.50 -15.53 5.68
C TYR A 194 -0.79 -15.23 4.97
N ALA A 195 -1.91 -15.68 5.58
CA ALA A 195 -3.28 -15.35 5.13
C ALA A 195 -4.12 -14.93 6.33
N SER A 196 -4.73 -13.74 6.25
CA SER A 196 -5.47 -13.22 7.38
C SER A 196 -6.76 -14.05 7.59
N PRO A 197 -7.40 -13.91 8.77
CA PRO A 197 -8.64 -14.64 8.95
C PRO A 197 -9.68 -14.33 7.83
N ASN A 198 -9.79 -13.07 7.45
CA ASN A 198 -10.74 -12.67 6.38
C ASN A 198 -10.43 -13.27 5.05
N ALA A 199 -9.13 -13.42 4.77
CA ALA A 199 -8.78 -14.01 3.50
C ALA A 199 -9.18 -15.50 3.52
N LEU A 200 -8.91 -16.16 4.63
CA LEU A 200 -9.25 -17.59 4.76
C LEU A 200 -10.78 -17.75 4.68
N SER A 201 -11.50 -16.84 5.33
CA SER A 201 -12.99 -16.79 5.22
C SER A 201 -13.45 -16.72 3.74
N ALA A 202 -12.88 -15.79 2.99
CA ALA A 202 -13.25 -15.68 1.62
C ALA A 202 -12.94 -16.97 0.86
N TYR A 203 -11.74 -17.53 1.05
CA TYR A 203 -11.41 -18.81 0.34
C TYR A 203 -12.33 -19.95 0.76
N HIS A 204 -12.78 -20.00 2.02
CA HIS A 204 -13.79 -21.02 2.41
C HIS A 204 -15.13 -20.84 1.68
N ARG A 205 -15.59 -19.61 1.57
CA ARG A 205 -16.84 -19.36 0.85
C ARG A 205 -16.66 -19.79 -0.58
N MET A 206 -15.43 -19.58 -1.12
CA MET A 206 -15.12 -19.96 -2.51
C MET A 206 -15.00 -21.50 -2.73
N GLY A 207 -14.97 -22.26 -1.64
CA GLY A 207 -14.92 -23.72 -1.67
C GLY A 207 -13.63 -24.33 -1.16
N LEU A 208 -12.70 -23.54 -0.63
CA LEU A 208 -11.41 -24.14 -0.10
C LEU A 208 -11.71 -24.94 1.16
N THR A 209 -11.35 -26.23 1.17
CA THR A 209 -11.58 -27.07 2.36
C THR A 209 -10.23 -27.34 3.04
N THR A 210 -9.20 -26.72 2.49
CA THR A 210 -7.78 -26.94 2.87
C THR A 210 -7.21 -25.74 3.64
N GLU A 211 -6.02 -25.90 4.22
CA GLU A 211 -5.29 -24.73 4.75
C GLU A 211 -4.83 -23.80 3.59
N LEU A 212 -4.54 -22.54 3.86
CA LEU A 212 -3.99 -21.73 2.79
C LEU A 212 -2.50 -21.55 2.98
N GLU A 213 -2.09 -21.23 4.20
CA GLU A 213 -0.69 -21.07 4.52
C GLU A 213 0.16 -22.30 4.21
N GLY A 214 1.34 -22.05 3.65
CA GLY A 214 2.21 -23.10 3.16
C GLY A 214 1.79 -23.74 1.84
N VAL A 215 0.78 -23.23 1.17
CA VAL A 215 0.34 -23.88 -0.09
C VAL A 215 0.61 -22.89 -1.22
N ASN A 216 0.96 -23.42 -2.39
CA ASN A 216 1.05 -22.62 -3.56
C ASN A 216 -0.34 -22.00 -3.85
N LEU A 217 -0.38 -20.68 -3.95
CA LEU A 217 -1.66 -19.95 -4.07
C LEU A 217 -2.45 -20.36 -5.31
N ILE A 218 -1.80 -20.30 -6.48
CA ILE A 218 -2.45 -20.80 -7.71
C ILE A 218 -3.03 -22.21 -7.59
N ASP A 219 -2.29 -23.16 -7.00
CA ASP A 219 -2.81 -24.53 -6.84
C ASP A 219 -4.07 -24.66 -5.97
N ALA A 220 -4.14 -23.85 -4.90
CA ALA A 220 -5.32 -23.71 -4.06
C ALA A 220 -6.46 -22.99 -4.78
N THR A 221 -6.12 -22.02 -5.62
CA THR A 221 -7.14 -21.09 -6.15
C THR A 221 -7.73 -21.59 -7.46
N ARG A 222 -6.86 -22.02 -8.37
CA ARG A 222 -7.31 -22.43 -9.70
C ARG A 222 -8.55 -23.36 -9.71
N PRO A 223 -8.54 -24.48 -8.94
CA PRO A 223 -9.69 -25.38 -9.01
C PRO A 223 -11.01 -24.73 -8.52
N LEU A 224 -10.97 -23.56 -7.88
CA LEU A 224 -12.20 -23.03 -7.25
C LEU A 224 -12.91 -22.18 -8.20
N ILE A 225 -12.15 -21.58 -9.13
CA ILE A 225 -12.67 -20.57 -10.05
C ILE A 225 -13.64 -21.19 -11.03
N SER A 226 -14.81 -20.59 -11.14
CA SER A 226 -15.95 -21.20 -11.89
C SER A 226 -15.73 -21.21 -13.40
N ASP A 227 -15.35 -20.06 -13.96
CA ASP A 227 -15.14 -19.99 -15.41
C ASP A 227 -13.71 -20.48 -15.77
N PRO A 228 -13.61 -21.50 -16.66
CA PRO A 228 -12.27 -22.06 -16.93
C PRO A 228 -11.34 -21.03 -17.63
N PHE A 229 -11.88 -20.04 -18.35
CA PHE A 229 -10.98 -18.99 -18.90
C PHE A 229 -10.39 -18.08 -17.79
N GLU A 230 -11.22 -17.71 -16.83
CA GLU A 230 -10.80 -16.81 -15.74
C GLU A 230 -9.78 -17.60 -14.93
N ALA A 231 -10.01 -18.90 -14.75
CA ALA A 231 -9.10 -19.74 -13.94
C ALA A 231 -7.68 -19.68 -14.49
N HIS A 232 -7.58 -19.71 -15.81
CA HIS A 232 -6.30 -19.64 -16.44
C HIS A 232 -5.72 -18.23 -16.40
N GLU A 233 -6.56 -17.20 -16.57
CA GLU A 233 -6.09 -15.82 -16.47
C GLU A 233 -5.43 -15.51 -15.08
N VAL A 234 -6.04 -15.99 -14.05
CA VAL A 234 -5.56 -15.76 -12.72
C VAL A 234 -4.21 -16.44 -12.50
N ASP A 235 -4.16 -17.71 -12.86
CA ASP A 235 -2.93 -18.50 -12.91
C ASP A 235 -1.79 -17.75 -13.66
N GLU A 236 -2.03 -17.37 -14.91
CA GLU A 236 -1.01 -16.59 -15.67
C GLU A 236 -0.61 -15.25 -15.03
N HIS A 237 -1.60 -14.53 -14.54
CA HIS A 237 -1.33 -13.27 -13.84
C HIS A 237 -0.37 -13.45 -12.72
N VAL A 238 -0.68 -14.36 -11.83
CA VAL A 238 0.15 -14.56 -10.66
C VAL A 238 1.59 -15.01 -11.05
N GLN A 239 1.70 -15.93 -12.02
CA GLN A 239 3.03 -16.26 -12.57
C GLN A 239 3.79 -15.05 -13.09
N ASP A 240 3.15 -14.18 -13.87
CA ASP A 240 3.76 -12.94 -14.37
C ASP A 240 4.13 -11.95 -13.26
N LEU A 241 3.28 -11.86 -12.26
CA LEU A 241 3.48 -10.97 -11.13
C LEU A 241 4.81 -11.25 -10.45
N LEU A 242 4.98 -12.51 -10.10
CA LEU A 242 6.15 -13.00 -9.40
C LEU A 242 7.44 -12.92 -10.24
N ALA A 243 7.28 -13.07 -11.56
CA ALA A 243 8.43 -13.02 -12.50
C ALA A 243 8.90 -11.60 -12.85
N GLY A 244 8.09 -10.57 -12.54
CA GLY A 244 8.37 -9.21 -12.95
C GLY A 244 7.89 -8.95 -14.36
N ASP A 245 7.05 -9.87 -14.87
CA ASP A 245 6.46 -9.79 -16.20
C ASP A 245 5.14 -9.03 -16.25
N GLY A 246 4.65 -8.55 -15.11
CA GLY A 246 3.30 -8.02 -15.08
C GLY A 246 3.09 -7.11 -13.90
N LYS A 247 2.25 -6.12 -14.05
CA LYS A 247 2.02 -5.26 -12.94
C LYS A 247 0.90 -5.86 -12.04
N GLY A 248 0.70 -5.30 -10.84
CA GLY A 248 -0.49 -5.68 -10.08
C GLY A 248 -1.79 -5.42 -10.87
N MET A 249 -2.84 -6.18 -10.55
CA MET A 249 -4.14 -5.96 -11.17
C MET A 249 -5.28 -6.08 -10.18
N ARG A 250 -6.45 -5.58 -10.57
CA ARG A 250 -7.68 -5.73 -9.79
C ARG A 250 -8.54 -6.70 -10.58
N MET A 251 -9.14 -7.68 -9.93
CA MET A 251 -10.04 -8.52 -10.68
C MET A 251 -11.18 -9.12 -9.87
N GLU A 252 -12.31 -9.32 -10.52
CA GLU A 252 -13.47 -9.90 -9.87
C GLU A 252 -13.64 -11.33 -10.38
N VAL A 253 -13.74 -12.28 -9.46
CA VAL A 253 -13.83 -13.65 -9.88
C VAL A 253 -15.01 -14.34 -9.16
N ASP A 254 -15.77 -15.15 -9.89
CA ASP A 254 -16.74 -16.11 -9.32
C ASP A 254 -16.09 -17.45 -9.02
N ALA A 255 -16.33 -17.99 -7.83
CA ALA A 255 -15.83 -19.26 -7.41
C ALA A 255 -16.80 -19.85 -6.43
N GLY A 256 -17.31 -21.04 -6.74
CA GLY A 256 -18.03 -21.81 -5.71
C GLY A 256 -19.29 -21.16 -5.18
N GLY A 257 -19.99 -20.41 -6.03
CA GLY A 257 -21.17 -19.65 -5.57
C GLY A 257 -20.83 -18.26 -4.99
N ALA A 258 -19.55 -18.02 -4.62
CA ALA A 258 -19.08 -16.74 -4.06
C ALA A 258 -18.47 -15.86 -5.16
N THR A 259 -18.35 -14.55 -4.92
CA THR A 259 -17.68 -13.63 -5.85
C THR A 259 -16.69 -12.88 -4.98
N VAL A 260 -15.43 -12.93 -5.34
CA VAL A 260 -14.44 -12.16 -4.61
C VAL A 260 -13.81 -11.09 -5.51
N LEU A 261 -13.34 -10.00 -4.91
CA LEU A 261 -12.54 -9.02 -5.65
C LEU A 261 -11.12 -9.24 -5.18
N LEU A 262 -10.19 -9.26 -6.12
CA LEU A 262 -8.79 -9.50 -5.79
C LEU A 262 -8.01 -8.32 -6.27
N ARG A 263 -7.03 -7.89 -5.48
CA ARG A 263 -6.05 -6.89 -5.92
C ARG A 263 -4.61 -7.40 -5.63
N THR A 264 -3.76 -7.49 -6.66
CA THR A 264 -2.41 -8.00 -6.49
C THR A 264 -1.45 -6.79 -6.55
N LEU A 265 -0.34 -6.94 -5.84
CA LEU A 265 0.72 -5.92 -5.70
C LEU A 265 2.03 -6.66 -5.67
N PRO A 266 2.82 -6.58 -6.73
CA PRO A 266 4.12 -7.26 -6.70
C PRO A 266 5.05 -6.51 -5.70
N LEU A 267 5.88 -7.23 -4.97
CA LEU A 267 6.77 -6.54 -4.03
C LEU A 267 8.19 -6.75 -4.48
N VAL A 268 8.96 -5.66 -4.47
CA VAL A 268 10.32 -5.64 -5.09
C VAL A 268 11.29 -4.89 -4.16
N VAL A 269 12.51 -5.44 -4.08
CA VAL A 269 13.68 -4.82 -3.43
C VAL A 269 14.83 -4.77 -4.40
N ALA A 270 15.35 -3.57 -4.63
CA ALA A 270 16.62 -3.39 -5.33
C ALA A 270 16.61 -4.15 -6.66
N GLY A 271 15.52 -3.97 -7.42
CA GLY A 271 15.33 -4.62 -8.72
C GLY A 271 14.92 -6.09 -8.72
N ARG A 272 14.82 -6.73 -7.56
CA ARG A 272 14.22 -8.06 -7.57
C ARG A 272 12.90 -8.29 -6.80
N ASN A 273 12.13 -9.26 -7.31
CA ASN A 273 10.87 -9.69 -6.71
CA ASN A 273 10.88 -9.60 -6.68
C ASN A 273 11.09 -10.43 -5.41
N VAL A 274 10.41 -10.01 -4.35
CA VAL A 274 10.43 -10.69 -3.09
C VAL A 274 8.99 -11.14 -2.73
N GLY A 275 8.27 -11.62 -3.75
CA GLY A 275 6.90 -12.10 -3.67
C GLY A 275 5.86 -11.01 -3.99
N ALA A 276 4.74 -11.07 -3.26
CA ALA A 276 3.57 -10.28 -3.59
C ALA A 276 2.60 -10.18 -2.41
N ALA A 277 1.79 -9.11 -2.44
CA ALA A 277 0.67 -8.99 -1.47
C ALA A 277 -0.56 -9.16 -2.34
N ILE A 278 -1.59 -9.79 -1.79
CA ILE A 278 -2.84 -9.90 -2.44
C ILE A 278 -3.90 -9.47 -1.45
N LEU A 279 -4.74 -8.55 -1.89
CA LEU A 279 -5.90 -8.17 -1.05
C LEU A 279 -7.14 -8.82 -1.64
N ILE A 280 -8.01 -9.30 -0.77
CA ILE A 280 -9.22 -9.99 -1.25
C ILE A 280 -10.42 -9.52 -0.48
N ARG A 281 -11.55 -9.33 -1.18
CA ARG A 281 -12.75 -8.94 -0.47
C ARG A 281 -13.87 -9.85 -0.97
N ASP A 282 -14.53 -10.57 -0.07
CA ASP A 282 -15.76 -11.31 -0.43
C ASP A 282 -16.90 -10.34 -0.76
N VAL A 283 -17.25 -10.26 -2.02
CA VAL A 283 -18.34 -9.37 -2.37
C VAL A 283 -19.66 -10.11 -2.79
N THR A 284 -19.80 -11.34 -2.38
CA THR A 284 -20.96 -12.15 -2.73
C THR A 284 -22.28 -11.42 -2.46
N GLU A 285 -22.42 -10.84 -1.26
CA GLU A 285 -23.65 -10.17 -0.85
C GLU A 285 -23.59 -8.69 -1.13
N VAL A 286 -22.40 -8.17 -1.41
CA VAL A 286 -22.24 -6.74 -1.67
C VAL A 286 -22.67 -6.49 -3.12
N LYS A 287 -22.09 -7.26 -4.03
CA LYS A 287 -22.60 -7.55 -5.40
C LYS A 287 -24.13 -7.53 -5.51
N ARG A 288 -24.84 -8.26 -4.63
CA ARG A 288 -26.29 -8.38 -4.79
C ARG A 288 -27.10 -7.39 -3.96
S SO4 B . -8.30 -5.32 11.32
O1 SO4 B . -7.50 -6.20 12.23
O2 SO4 B . -7.73 -5.53 9.93
O3 SO4 B . -9.67 -5.84 11.67
O4 SO4 B . -8.27 -3.89 11.53
BR BR C . -11.40 -0.48 6.02
BR BR D . -8.92 -10.25 9.17
BR BR E . -8.86 20.79 11.95
BR BR F . 11.78 16.51 11.50
BR BR G . -4.25 -21.33 6.68
BR BR H . -6.92 0.86 -0.03
BR BR I . -7.01 -9.28 14.16
BR BR J . -14.66 1.89 -8.86
BR BR K . -5.51 -26.90 -10.85
BR BR L . -7.68 -26.57 -11.84
BR BR M . -6.12 -3.82 -13.57
BR BR N . -1.06 7.67 22.15
BR BR O . 2.87 -19.42 -8.88
BR BR P . -3.40 16.88 16.19
BR BR Q . 4.56 -11.84 6.19
BR BR R . -19.86 -19.44 -9.09
#